data_2F4P
#
_entry.id   2F4P
#
_cell.length_a   71.746
_cell.length_b   71.746
_cell.length_c   188.600
_cell.angle_alpha   90.00
_cell.angle_beta   90.00
_cell.angle_gamma   120.00
#
_symmetry.space_group_name_H-M   'P 65'
#
loop_
_entity.id
_entity.type
_entity.pdbx_description
1 polymer 'hypothetical protein TM1010'
2 non-polymer 'UNKNOWN LIGAND'
3 non-polymer 1,2-ETHANEDIOL
4 water water
#
_entity_poly.entity_id   1
_entity_poly.type   'polypeptide(L)'
_entity_poly.pdbx_seq_one_letter_code
;(MSE)GSDKIHHHHHH(MSE)VDDIFERGSKGSSDFFTGNVWVK(MSE)LVTDENGVFNTQVYDVVFEPGARTHWHSHPG
GQILIVTRGKGFYQERGKPARILKKGDVVEIPPNVVHWHGAAPDEELVHIGISTQVHLGPAEWLGSVTEEEYRKATEGK
;
_entity_poly.pdbx_strand_id   A,B,C,D
#
loop_
_chem_comp.id
_chem_comp.type
_chem_comp.name
_chem_comp.formula
EDO non-polymer 1,2-ETHANEDIOL 'C2 H6 O2'
UNL non-polymer 'UNKNOWN LIGAND' ?
#
# COMPACT_ATOMS: atom_id res chain seq x y z
N VAL A 14 -15.76 11.82 -4.01
CA VAL A 14 -17.20 11.41 -4.01
C VAL A 14 -18.00 12.28 -3.03
N ASP A 15 -17.50 12.44 -1.80
CA ASP A 15 -18.17 13.30 -0.81
C ASP A 15 -18.09 14.81 -1.11
N ASP A 16 -17.22 15.21 -2.03
CA ASP A 16 -17.15 16.61 -2.48
C ASP A 16 -18.47 17.06 -3.08
N ILE A 17 -19.28 16.11 -3.57
CA ILE A 17 -20.57 16.43 -4.19
C ILE A 17 -21.56 17.06 -3.21
N PHE A 18 -21.37 16.78 -1.92
CA PHE A 18 -22.27 17.26 -0.86
C PHE A 18 -21.83 18.59 -0.22
N GLU A 19 -22.83 19.35 0.23
CA GLU A 19 -22.60 20.62 0.92
C GLU A 19 -21.86 20.40 2.22
N ARG A 20 -22.40 19.53 3.08
CA ARG A 20 -21.82 19.25 4.40
C ARG A 20 -21.26 17.84 4.53
N GLY A 21 -21.45 17.02 3.50
CA GLY A 21 -21.08 15.62 3.55
C GLY A 21 -22.31 14.75 3.44
N SER A 22 -22.13 13.44 3.53
CA SER A 22 -23.26 12.54 3.52
C SER A 22 -23.80 12.38 4.94
N LYS A 23 -25.11 12.32 5.05
CA LYS A 23 -25.75 12.26 6.35
C LYS A 23 -25.42 10.92 6.95
N GLY A 24 -24.99 10.94 8.22
CA GLY A 24 -24.70 9.73 8.97
C GLY A 24 -25.89 8.80 9.08
N SER A 25 -25.67 7.53 8.76
CA SER A 25 -26.74 6.54 8.83
C SER A 25 -27.11 6.29 10.28
N SER A 26 -28.40 6.11 10.51
CA SER A 26 -28.91 5.72 11.83
C SER A 26 -28.40 4.35 12.27
N ASP A 27 -27.83 3.57 11.36
CA ASP A 27 -27.13 2.33 11.69
C ASP A 27 -25.95 2.57 12.64
N PHE A 28 -25.31 3.74 12.52
CA PHE A 28 -24.08 4.01 13.24
C PHE A 28 -24.11 5.24 14.14
N PHE A 29 -25.09 6.12 13.93
CA PHE A 29 -25.17 7.41 14.62
C PHE A 29 -26.55 7.64 15.21
N THR A 30 -26.58 8.37 16.32
CA THR A 30 -27.78 8.91 16.92
C THR A 30 -27.82 10.39 16.61
N GLY A 31 -28.94 10.86 16.09
CA GLY A 31 -29.05 12.26 15.71
C GLY A 31 -28.43 12.62 14.36
N ASN A 32 -28.24 13.93 14.16
CA ASN A 32 -27.86 14.47 12.86
C ASN A 32 -26.36 14.66 12.79
N VAL A 33 -25.74 13.94 11.85
CA VAL A 33 -24.28 13.92 11.70
C VAL A 33 -23.99 13.97 10.21
N TRP A 34 -22.94 14.70 9.81
CA TRP A 34 -22.52 14.83 8.42
CA TRP A 34 -22.51 14.68 8.41
C TRP A 34 -21.05 14.37 8.35
N VAL A 35 -20.73 13.47 7.42
CA VAL A 35 -19.38 12.93 7.24
C VAL A 35 -18.84 13.24 5.83
N LYS A 36 -17.66 13.83 5.75
CA LYS A 36 -16.93 13.97 4.48
C LYS A 36 -15.66 13.16 4.59
N MSE A 37 -15.50 12.19 3.71
CA MSE A 37 -14.25 11.44 3.61
C MSE A 37 -13.20 12.35 2.99
O MSE A 37 -13.46 13.02 1.98
CB MSE A 37 -14.45 10.21 2.73
CG MSE A 37 -15.47 9.23 3.27
SE MSE A 37 -15.02 8.53 5.02
CE MSE A 37 -13.15 8.05 4.64
N LEU A 38 -12.04 12.39 3.60
CA LEU A 38 -10.95 13.18 3.08
C LEU A 38 -9.95 12.28 2.38
N VAL A 39 -9.67 11.15 3.01
CA VAL A 39 -8.85 10.10 2.44
C VAL A 39 -9.57 8.78 2.61
N THR A 40 -9.98 8.19 1.50
CA THR A 40 -10.65 6.91 1.51
C THR A 40 -9.65 5.76 1.41
N ASP A 41 -8.49 6.06 0.83
CA ASP A 41 -7.43 5.06 0.65
C ASP A 41 -7.95 3.87 -0.14
N GLU A 42 -8.70 4.18 -1.21
CA GLU A 42 -9.26 3.16 -2.11
C GLU A 42 -8.22 2.16 -2.51
N ASN A 43 -7.01 2.66 -2.74
CA ASN A 43 -5.91 1.87 -3.23
C ASN A 43 -4.95 1.41 -2.15
N GLY A 44 -5.31 1.59 -0.88
CA GLY A 44 -4.51 1.08 0.24
C GLY A 44 -3.06 1.57 0.30
N VAL A 45 -2.77 2.69 -0.38
CA VAL A 45 -1.44 3.33 -0.37
C VAL A 45 -1.01 3.74 1.07
N PHE A 46 -1.97 4.00 1.93
CA PHE A 46 -1.71 4.65 3.22
C PHE A 46 -2.04 3.78 4.44
N ASN A 47 -2.85 2.74 4.27
CA ASN A 47 -3.35 1.92 5.41
C ASN A 47 -4.04 2.77 6.48
N THR A 48 -4.66 3.85 6.03
CA THR A 48 -5.21 4.89 6.89
C THR A 48 -6.38 5.54 6.17
N GLN A 49 -7.48 5.80 6.87
CA GLN A 49 -8.54 6.62 6.32
C GLN A 49 -8.66 7.87 7.15
N VAL A 50 -9.10 8.95 6.50
CA VAL A 50 -9.25 10.26 7.16
C VAL A 50 -10.62 10.85 6.75
N TYR A 51 -11.30 11.41 7.74
CA TYR A 51 -12.63 11.99 7.50
CA TYR A 51 -12.65 11.93 7.56
C TYR A 51 -12.81 13.21 8.37
N ASP A 52 -13.79 14.01 7.97
CA ASP A 52 -14.15 15.22 8.69
C ASP A 52 -15.62 15.06 9.04
N VAL A 53 -15.95 15.25 10.31
CA VAL A 53 -17.30 14.95 10.85
CA VAL A 53 -17.32 15.01 10.77
C VAL A 53 -17.89 16.17 11.57
N VAL A 54 -19.16 16.47 11.31
CA VAL A 54 -19.92 17.43 12.13
CA VAL A 54 -19.88 17.42 12.16
C VAL A 54 -21.03 16.68 12.84
N PHE A 55 -21.06 16.81 14.16
CA PHE A 55 -22.18 16.30 14.99
C PHE A 55 -22.97 17.54 15.42
N GLU A 56 -24.26 17.58 15.10
CA GLU A 56 -25.12 18.63 15.66
C GLU A 56 -25.35 18.36 17.14
N PRO A 57 -25.78 19.37 17.91
CA PRO A 57 -25.96 19.15 19.34
C PRO A 57 -26.78 17.90 19.64
N GLY A 58 -26.28 17.08 20.57
CA GLY A 58 -26.98 15.88 20.98
C GLY A 58 -26.63 14.65 20.15
N ALA A 59 -26.00 14.84 19.00
CA ALA A 59 -25.72 13.72 18.11
C ALA A 59 -24.40 13.06 18.51
N ARG A 60 -24.34 11.75 18.24
CA ARG A 60 -23.17 10.96 18.63
C ARG A 60 -23.15 9.62 17.95
N THR A 61 -21.98 9.02 17.95
CA THR A 61 -21.83 7.71 17.42
C THR A 61 -22.53 6.72 18.36
N HIS A 62 -22.86 5.56 17.82
CA HIS A 62 -23.09 4.37 18.65
C HIS A 62 -21.78 3.98 19.35
N TRP A 63 -21.88 3.09 20.32
CA TRP A 63 -20.68 2.41 20.82
C TRP A 63 -20.02 1.60 19.70
N HIS A 64 -18.68 1.66 19.62
CA HIS A 64 -17.97 0.91 18.63
C HIS A 64 -16.47 0.85 18.97
N SER A 65 -15.75 0.06 18.22
CA SER A 65 -14.30 -0.01 18.31
C SER A 65 -13.69 -0.21 16.91
N HIS A 66 -12.43 0.15 16.80
CA HIS A 66 -11.65 -0.06 15.60
C HIS A 66 -10.48 -0.98 15.96
N PRO A 67 -10.32 -2.06 15.23
CA PRO A 67 -9.18 -2.95 15.45
C PRO A 67 -7.81 -2.25 15.34
N GLY A 68 -7.72 -1.24 14.48
CA GLY A 68 -6.47 -0.53 14.28
C GLY A 68 -6.32 0.73 15.08
N GLY A 69 -7.35 1.14 15.79
CA GLY A 69 -7.27 2.38 16.55
C GLY A 69 -7.80 3.57 15.74
N GLN A 70 -7.85 4.71 16.42
CA GLN A 70 -8.39 5.93 15.81
C GLN A 70 -7.80 7.13 16.53
N ILE A 71 -7.63 8.24 15.78
CA ILE A 71 -7.16 9.50 16.32
C ILE A 71 -8.22 10.56 15.97
N LEU A 72 -8.67 11.33 16.95
CA LEU A 72 -9.58 12.45 16.71
C LEU A 72 -8.84 13.76 16.94
N ILE A 73 -9.11 14.74 16.07
CA ILE A 73 -8.54 16.07 16.17
C ILE A 73 -9.70 17.04 16.08
N VAL A 74 -10.00 17.69 17.20
CA VAL A 74 -11.17 18.56 17.30
C VAL A 74 -10.86 19.93 16.74
N THR A 75 -11.67 20.37 15.79
CA THR A 75 -11.43 21.63 15.11
C THR A 75 -12.40 22.74 15.52
N ARG A 76 -13.53 22.38 16.09
CA ARG A 76 -14.53 23.37 16.46
C ARG A 76 -15.54 22.82 17.44
N GLY A 77 -16.00 23.68 18.34
CA GLY A 77 -17.17 23.35 19.17
C GLY A 77 -16.84 22.63 20.45
N LYS A 78 -17.78 21.82 20.92
CA LYS A 78 -17.69 21.12 22.19
C LYS A 78 -18.31 19.74 22.04
N GLY A 79 -17.60 18.74 22.53
CA GLY A 79 -18.12 17.41 22.53
C GLY A 79 -17.64 16.56 23.68
N PHE A 80 -17.88 15.27 23.52
CA PHE A 80 -17.56 14.27 24.54
C PHE A 80 -17.00 13.03 23.88
N TYR A 81 -16.05 12.43 24.60
CA TYR A 81 -15.49 11.13 24.29
C TYR A 81 -15.61 10.25 25.53
N GLN A 82 -16.08 9.02 25.37
CA GLN A 82 -16.20 8.11 26.48
C GLN A 82 -15.85 6.69 26.10
N GLU A 83 -14.99 6.08 26.90
CA GLU A 83 -14.69 4.65 26.83
C GLU A 83 -15.64 3.86 27.74
N ARG A 84 -15.97 2.65 27.30
CA ARG A 84 -16.86 1.78 28.07
C ARG A 84 -16.38 1.70 29.52
N GLY A 85 -17.27 2.02 30.46
CA GLY A 85 -17.00 1.88 31.89
C GLY A 85 -16.15 2.98 32.49
N LYS A 86 -15.84 4.03 31.72
CA LYS A 86 -14.95 5.11 32.20
C LYS A 86 -15.69 6.48 32.15
N PRO A 87 -15.26 7.45 32.96
CA PRO A 87 -15.86 8.78 32.91
C PRO A 87 -15.63 9.43 31.55
N ALA A 88 -16.63 10.14 31.04
CA ALA A 88 -16.50 10.87 29.78
C ALA A 88 -15.48 12.01 29.87
N ARG A 89 -14.84 12.27 28.74
CA ARG A 89 -13.87 13.35 28.56
C ARG A 89 -14.53 14.45 27.71
N ILE A 90 -14.42 15.70 28.15
CA ILE A 90 -14.97 16.85 27.41
C ILE A 90 -13.95 17.24 26.35
N LEU A 91 -14.43 17.49 25.14
CA LEU A 91 -13.59 17.86 24.00
C LEU A 91 -13.87 19.31 23.60
N LYS A 92 -12.78 20.04 23.30
CA LYS A 92 -12.84 21.38 22.71
C LYS A 92 -11.83 21.51 21.57
N LYS A 93 -11.91 22.62 20.84
CA LYS A 93 -10.98 22.92 19.74
C LYS A 93 -9.54 22.70 20.16
N GLY A 94 -8.80 21.94 19.34
CA GLY A 94 -7.38 21.68 19.58
C GLY A 94 -7.07 20.35 20.24
N ASP A 95 -8.09 19.71 20.81
CA ASP A 95 -7.89 18.48 21.55
C ASP A 95 -7.59 17.35 20.58
N VAL A 96 -6.73 16.45 21.03
CA VAL A 96 -6.38 15.29 20.28
C VAL A 96 -6.69 14.07 21.15
N VAL A 97 -7.48 13.16 20.62
CA VAL A 97 -7.86 11.93 21.30
C VAL A 97 -7.22 10.72 20.63
N GLU A 98 -6.39 10.00 21.39
CA GLU A 98 -5.81 8.74 20.92
C GLU A 98 -6.68 7.59 21.41
N ILE A 99 -7.32 6.91 20.49
CA ILE A 99 -8.24 5.81 20.82
C ILE A 99 -7.56 4.48 20.48
N PRO A 100 -7.12 3.75 21.50
CA PRO A 100 -6.35 2.57 21.18
C PRO A 100 -7.13 1.46 20.48
N PRO A 101 -6.40 0.57 19.80
CA PRO A 101 -7.00 -0.57 19.14
C PRO A 101 -7.99 -1.32 20.04
N ASN A 102 -9.19 -1.57 19.52
CA ASN A 102 -10.25 -2.38 20.12
C ASN A 102 -10.93 -1.78 21.34
N VAL A 103 -10.55 -0.56 21.72
CA VAL A 103 -11.21 0.09 22.86
C VAL A 103 -12.64 0.51 22.43
N VAL A 104 -13.62 0.08 23.21
CA VAL A 104 -15.01 0.39 22.92
C VAL A 104 -15.35 1.79 23.42
N HIS A 105 -15.91 2.63 22.56
CA HIS A 105 -16.07 4.05 22.94
C HIS A 105 -17.19 4.67 22.08
N TRP A 106 -17.60 5.86 22.47
CA TRP A 106 -18.40 6.70 21.57
C TRP A 106 -17.85 8.09 21.63
N HIS A 107 -18.17 8.88 20.61
CA HIS A 107 -17.91 10.32 20.70
C HIS A 107 -19.05 11.08 20.07
N GLY A 108 -19.13 12.37 20.37
CA GLY A 108 -20.20 13.16 19.81
C GLY A 108 -20.28 14.53 20.39
N ALA A 109 -21.35 15.24 20.03
CA ALA A 109 -21.47 16.63 20.40
C ALA A 109 -21.98 16.75 21.81
N ALA A 110 -21.78 17.94 22.35
CA ALA A 110 -22.46 18.36 23.57
C ALA A 110 -23.98 18.51 23.32
N PRO A 111 -24.79 18.51 24.40
CA PRO A 111 -26.22 18.69 24.21
C PRO A 111 -26.61 20.03 23.56
N ASP A 112 -25.75 21.04 23.69
CA ASP A 112 -26.12 22.41 23.29
C ASP A 112 -25.08 23.11 22.45
N GLU A 113 -24.22 22.32 21.82
CA GLU A 113 -23.20 22.82 20.92
C GLU A 113 -22.75 21.72 19.97
N GLU A 114 -22.44 22.10 18.73
CA GLU A 114 -21.95 21.15 17.75
C GLU A 114 -20.50 20.74 18.06
N LEU A 115 -20.09 19.62 17.51
CA LEU A 115 -18.68 19.18 17.52
C LEU A 115 -18.26 18.90 16.10
N VAL A 116 -17.09 19.44 15.73
CA VAL A 116 -16.48 19.17 14.44
C VAL A 116 -15.10 18.63 14.70
N HIS A 117 -14.77 17.53 14.04
CA HIS A 117 -13.45 16.97 14.18
C HIS A 117 -13.00 16.22 12.92
N ILE A 118 -11.68 16.14 12.77
CA ILE A 118 -11.05 15.24 11.84
C ILE A 118 -10.89 13.90 12.56
N GLY A 119 -11.17 12.81 11.85
CA GLY A 119 -10.92 11.48 12.37
C GLY A 119 -9.93 10.75 11.50
N ILE A 120 -9.01 10.01 12.12
CA ILE A 120 -8.03 9.21 11.40
C ILE A 120 -8.21 7.77 11.86
N SER A 121 -8.63 6.89 10.96
CA SER A 121 -8.67 5.45 11.24
C SER A 121 -7.29 4.89 10.84
N THR A 122 -6.54 4.44 11.83
CA THR A 122 -5.20 3.93 11.64
C THR A 122 -5.24 2.43 11.44
N GLN A 123 -4.21 1.92 10.78
CA GLN A 123 -4.02 0.48 10.59
C GLN A 123 -5.29 -0.20 10.10
N VAL A 124 -5.84 0.35 9.02
CA VAL A 124 -7.11 -0.10 8.47
C VAL A 124 -7.08 -1.58 8.11
N HIS A 125 -5.92 -2.09 7.71
CA HIS A 125 -5.83 -3.48 7.29
C HIS A 125 -6.20 -4.44 8.44
N LEU A 126 -6.16 -3.97 9.68
CA LEU A 126 -6.49 -4.82 10.82
C LEU A 126 -7.99 -5.08 10.92
N GLY A 127 -8.79 -4.34 10.16
CA GLY A 127 -10.22 -4.63 10.03
C GLY A 127 -11.10 -3.39 10.15
N PRO A 128 -12.37 -3.55 9.78
CA PRO A 128 -13.31 -2.45 9.84
C PRO A 128 -13.80 -2.22 11.26
N ALA A 129 -14.42 -1.09 11.47
CA ALA A 129 -15.01 -0.79 12.76
C ALA A 129 -16.01 -1.84 13.13
N GLU A 130 -16.08 -2.14 14.42
CA GLU A 130 -17.08 -3.01 14.93
C GLU A 130 -18.11 -2.16 15.67
N TRP A 131 -19.33 -2.18 15.15
CA TRP A 131 -20.41 -1.35 15.65
C TRP A 131 -21.29 -2.12 16.61
N LEU A 132 -21.52 -1.52 17.77
CA LEU A 132 -22.30 -2.13 18.86
C LEU A 132 -23.60 -1.32 19.07
N GLY A 133 -24.09 -1.22 20.29
CA GLY A 133 -25.35 -0.55 20.56
C GLY A 133 -25.31 0.96 20.57
N SER A 134 -26.50 1.57 20.48
CA SER A 134 -26.65 3.00 20.68
C SER A 134 -26.21 3.42 22.05
N VAL A 135 -25.82 4.68 22.18
CA VAL A 135 -25.59 5.29 23.45
C VAL A 135 -26.98 5.76 23.88
N THR A 136 -27.46 5.21 24.99
CA THR A 136 -28.82 5.47 25.40
C THR A 136 -28.98 6.90 25.90
N GLU A 137 -30.21 7.38 26.00
CA GLU A 137 -30.41 8.73 26.51
C GLU A 137 -29.90 8.87 27.94
N GLU A 138 -30.06 7.81 28.74
CA GLU A 138 -29.54 7.80 30.10
C GLU A 138 -28.02 7.83 30.12
N GLU A 139 -27.38 6.99 29.28
CA GLU A 139 -25.93 7.03 29.19
C GLU A 139 -25.49 8.43 28.78
N TYR A 140 -26.17 9.02 27.77
CA TYR A 140 -25.74 10.35 27.25
C TYR A 140 -25.97 11.44 28.30
N ARG A 141 -27.16 11.46 28.89
CA ARG A 141 -27.47 12.43 29.92
C ARG A 141 -26.45 12.33 31.06
N LYS A 142 -26.19 11.12 31.54
CA LYS A 142 -25.27 10.95 32.67
C LYS A 142 -23.86 11.39 32.30
N ALA A 143 -23.47 11.10 31.07
CA ALA A 143 -22.18 11.54 30.55
C ALA A 143 -22.05 13.04 30.40
N THR A 144 -23.14 13.73 30.05
CA THR A 144 -23.06 15.12 29.60
C THR A 144 -23.77 16.16 30.45
N GLU A 145 -24.84 15.77 31.15
CA GLU A 145 -25.66 16.75 31.85
C GLU A 145 -24.82 17.56 32.84
N GLY A 146 -24.95 18.89 32.77
CA GLY A 146 -24.24 19.81 33.65
C GLY A 146 -22.75 20.00 33.38
N LYS A 147 -22.23 19.48 32.27
CA LYS A 147 -20.79 19.52 32.00
C LYS A 147 -20.36 20.61 30.98
N ASP B 16 -4.66 29.21 14.81
CA ASP B 16 -6.09 29.17 15.20
C ASP B 16 -6.48 27.90 15.99
N ILE B 17 -6.37 26.73 15.36
CA ILE B 17 -6.71 25.44 16.03
C ILE B 17 -5.67 25.08 17.10
N PHE B 18 -4.38 25.22 16.76
CA PHE B 18 -3.30 24.88 17.68
C PHE B 18 -2.37 26.06 17.92
N GLU B 19 -1.69 26.03 19.07
CA GLU B 19 -0.59 26.98 19.28
C GLU B 19 0.57 26.55 18.39
N ARG B 20 1.45 27.49 18.09
CA ARG B 20 2.68 27.21 17.35
C ARG B 20 3.55 26.26 18.13
N GLY B 21 4.29 25.43 17.42
CA GLY B 21 5.16 24.46 18.08
C GLY B 21 6.54 25.06 18.23
N SER B 22 7.57 24.24 17.98
CA SER B 22 8.94 24.67 18.16
C SER B 22 9.59 24.81 16.80
N LYS B 23 10.66 25.59 16.76
CA LYS B 23 11.34 25.95 15.51
C LYS B 23 11.96 24.69 14.89
N GLY B 24 11.70 24.51 13.60
CA GLY B 24 12.23 23.39 12.84
C GLY B 24 13.68 23.60 12.48
N SER B 25 14.42 22.50 12.42
CA SER B 25 15.84 22.52 12.17
C SER B 25 16.18 23.08 10.79
N SER B 26 17.20 23.92 10.73
CA SER B 26 17.75 24.39 9.44
C SER B 26 18.32 23.25 8.59
N ASP B 27 18.58 22.10 9.20
CA ASP B 27 19.03 20.91 8.46
C ASP B 27 17.94 20.34 7.54
N PHE B 28 16.67 20.64 7.84
CA PHE B 28 15.56 20.06 7.10
C PHE B 28 14.58 21.09 6.50
N PHE B 29 14.75 22.36 6.87
CA PHE B 29 13.85 23.43 6.46
C PHE B 29 14.62 24.64 6.00
N THR B 30 14.07 25.36 5.04
CA THR B 30 14.57 26.64 4.64
C THR B 30 13.60 27.67 5.19
N GLY B 31 14.12 28.68 5.89
CA GLY B 31 13.25 29.66 6.54
C GLY B 31 12.70 29.19 7.88
N ASN B 32 11.78 29.99 8.42
CA ASN B 32 11.19 29.76 9.73
C ASN B 32 9.99 28.87 9.63
N VAL B 33 10.06 27.73 10.29
CA VAL B 33 8.98 26.77 10.32
C VAL B 33 8.80 26.39 11.77
N TRP B 34 7.55 26.31 12.20
CA TRP B 34 7.17 25.85 13.53
CA TRP B 34 7.18 25.83 13.55
C TRP B 34 6.45 24.50 13.46
N VAL B 35 6.94 23.52 14.22
CA VAL B 35 6.35 22.19 14.24
C VAL B 35 5.83 21.83 15.63
N LYS B 36 4.58 21.36 15.68
CA LYS B 36 3.97 20.88 16.91
C LYS B 36 3.55 19.44 16.71
N MSE B 37 4.10 18.55 17.51
CA MSE B 37 3.71 17.13 17.44
C MSE B 37 2.35 16.98 18.09
O MSE B 37 2.13 17.47 19.20
CB MSE B 37 4.73 16.24 18.18
CG MSE B 37 6.14 16.22 17.58
SE MSE B 37 6.18 15.85 15.70
CE MSE B 37 5.27 14.04 15.60
N LEU B 38 1.42 16.32 17.39
CA LEU B 38 0.08 16.05 17.93
C LEU B 38 -0.02 14.61 18.41
N VAL B 39 0.49 13.70 17.60
CA VAL B 39 0.62 12.29 17.97
C VAL B 39 2.04 11.84 17.67
N THR B 40 2.81 11.60 18.73
CA THR B 40 4.20 11.17 18.55
CA THR B 40 4.21 11.16 18.59
C THR B 40 4.31 9.66 18.43
N ASP B 41 3.29 8.95 18.93
CA ASP B 41 3.20 7.49 18.88
C ASP B 41 4.46 6.84 19.46
N GLU B 42 4.88 7.30 20.63
CA GLU B 42 6.11 6.84 21.28
C GLU B 42 6.16 5.32 21.50
N ASN B 43 5.00 4.73 21.77
CA ASN B 43 4.90 3.29 22.02
C ASN B 43 4.63 2.47 20.76
N GLY B 44 4.48 3.12 19.62
CA GLY B 44 4.26 2.43 18.36
C GLY B 44 2.87 1.85 18.15
N VAL B 45 1.91 2.25 18.99
CA VAL B 45 0.54 1.68 18.97
C VAL B 45 -0.21 1.95 17.67
N PHE B 46 -0.06 3.15 17.13
CA PHE B 46 -0.83 3.53 15.95
C PHE B 46 -0.09 3.35 14.63
N ASN B 47 1.25 3.22 14.71
CA ASN B 47 2.13 3.19 13.54
C ASN B 47 1.90 4.41 12.62
N THR B 48 1.58 5.52 13.26
CA THR B 48 1.15 6.75 12.61
C THR B 48 1.58 7.91 13.53
N GLN B 49 2.14 8.95 12.93
CA GLN B 49 2.47 10.15 13.66
C GLN B 49 1.66 11.27 13.05
N VAL B 50 1.37 12.27 13.86
CA VAL B 50 0.58 13.44 13.44
C VAL B 50 1.23 14.69 13.99
N TYR B 51 1.34 15.68 13.12
CA TYR B 51 2.00 16.93 13.42
C TYR B 51 1.18 18.09 12.84
N ASP B 52 1.38 19.27 13.39
CA ASP B 52 0.86 20.49 12.83
C ASP B 52 2.06 21.39 12.52
N VAL B 53 2.03 22.03 11.38
CA VAL B 53 3.17 22.86 10.95
C VAL B 53 2.70 24.23 10.44
N VAL B 54 3.47 25.27 10.79
CA VAL B 54 3.27 26.61 10.28
C VAL B 54 4.55 27.00 9.53
N PHE B 55 4.41 27.35 8.25
CA PHE B 55 5.52 27.84 7.42
C PHE B 55 5.31 29.33 7.27
N GLU B 56 6.26 30.13 7.70
CA GLU B 56 6.21 31.56 7.42
C GLU B 56 6.43 31.78 5.93
N PRO B 57 6.02 32.95 5.42
CA PRO B 57 6.21 33.22 3.98
C PRO B 57 7.61 32.86 3.50
N GLY B 58 7.69 32.11 2.40
CA GLY B 58 8.94 31.73 1.84
C GLY B 58 9.55 30.47 2.42
N ALA B 59 9.11 30.04 3.60
CA ALA B 59 9.72 28.88 4.26
C ALA B 59 9.20 27.59 3.64
N ARG B 60 10.05 26.56 3.64
CA ARG B 60 9.70 25.30 3.00
C ARG B 60 10.59 24.17 3.52
N THR B 61 10.12 22.94 3.37
CA THR B 61 10.97 21.79 3.65
C THR B 61 12.08 21.69 2.61
N HIS B 62 13.14 21.00 2.94
CA HIS B 62 14.04 20.45 1.94
C HIS B 62 13.32 19.35 1.16
N TRP B 63 13.92 18.94 0.06
CA TRP B 63 13.43 17.79 -0.67
C TRP B 63 13.61 16.58 0.23
N HIS B 64 12.60 15.74 0.29
CA HIS B 64 12.69 14.53 1.07
C HIS B 64 11.68 13.51 0.59
N SER B 65 11.76 12.32 1.16
CA SER B 65 10.71 11.31 0.97
C SER B 65 10.51 10.55 2.26
N HIS B 66 9.37 9.87 2.34
CA HIS B 66 9.04 8.94 3.41
C HIS B 66 8.73 7.59 2.80
N PRO B 67 9.25 6.52 3.40
CA PRO B 67 8.82 5.19 2.94
C PRO B 67 7.32 4.95 3.04
N GLY B 68 6.68 5.51 4.06
CA GLY B 68 5.21 5.44 4.22
C GLY B 68 4.48 6.59 3.52
N GLY B 69 3.22 6.40 3.18
CA GLY B 69 2.52 7.50 2.48
C GLY B 69 2.27 8.61 3.50
N GLN B 70 2.31 9.89 3.07
CA GLN B 70 1.99 11.05 3.92
C GLN B 70 0.69 11.74 3.46
N ILE B 71 -0.03 12.33 4.43
CA ILE B 71 -1.28 13.06 4.17
C ILE B 71 -1.17 14.47 4.78
N LEU B 72 -1.41 15.49 3.97
CA LEU B 72 -1.44 16.85 4.47
C LEU B 72 -2.87 17.34 4.40
N ILE B 73 -3.29 18.06 5.44
CA ILE B 73 -4.59 18.72 5.48
C ILE B 73 -4.35 20.19 5.80
N VAL B 74 -4.62 21.06 4.83
CA VAL B 74 -4.35 22.49 4.94
C VAL B 74 -5.48 23.18 5.71
N THR B 75 -5.10 23.89 6.77
CA THR B 75 -6.05 24.54 7.64
C THR B 75 -6.08 26.07 7.46
N ARG B 76 -5.01 26.65 6.94
CA ARG B 76 -4.99 28.09 6.65
C ARG B 76 -3.91 28.47 5.67
N GLY B 77 -4.14 29.55 4.94
CA GLY B 77 -3.09 30.19 4.18
C GLY B 77 -2.92 29.69 2.76
N LYS B 78 -1.70 29.84 2.25
CA LYS B 78 -1.38 29.48 0.87
C LYS B 78 0.00 28.87 0.81
N GLY B 79 0.15 27.84 -0.03
CA GLY B 79 1.39 27.11 -0.08
C GLY B 79 1.52 26.29 -1.34
N PHE B 80 2.57 25.50 -1.37
CA PHE B 80 2.91 24.72 -2.54
C PHE B 80 3.32 23.34 -2.09
N TYR B 81 2.98 22.36 -2.93
CA TYR B 81 3.50 21.01 -2.84
C TYR B 81 4.06 20.66 -4.23
N GLN B 82 5.27 20.09 -4.26
CA GLN B 82 5.87 19.69 -5.54
C GLN B 82 6.60 18.37 -5.41
N GLU B 83 6.31 17.47 -6.36
CA GLU B 83 7.02 16.19 -6.51
C GLU B 83 8.15 16.41 -7.53
N ARG B 84 9.27 15.72 -7.36
CA ARG B 84 10.39 16.01 -8.20
C ARG B 84 10.07 15.69 -9.66
N GLY B 85 10.43 16.60 -10.55
CA GLY B 85 10.10 16.47 -11.97
C GLY B 85 8.68 16.82 -12.37
N LYS B 86 7.84 17.26 -11.42
CA LYS B 86 6.43 17.54 -11.73
C LYS B 86 6.11 18.98 -11.41
N PRO B 87 5.09 19.55 -12.08
CA PRO B 87 4.71 20.91 -11.76
C PRO B 87 4.20 21.04 -10.34
N ALA B 88 4.51 22.16 -9.70
CA ALA B 88 4.02 22.39 -8.34
C ALA B 88 2.50 22.54 -8.31
N ARG B 89 1.92 22.18 -7.17
CA ARG B 89 0.49 22.26 -6.89
C ARG B 89 0.24 23.38 -5.88
N ILE B 90 -0.74 24.26 -6.12
CA ILE B 90 -1.07 25.34 -5.20
C ILE B 90 -2.00 24.80 -4.11
N LEU B 91 -1.68 25.13 -2.86
CA LEU B 91 -2.46 24.70 -1.71
C LEU B 91 -3.17 25.89 -1.07
N LYS B 92 -4.42 25.65 -0.65
CA LYS B 92 -5.15 26.61 0.15
C LYS B 92 -5.99 25.83 1.15
N LYS B 93 -6.62 26.56 2.06
CA LYS B 93 -7.41 25.99 3.13
C LYS B 93 -8.37 24.94 2.61
N GLY B 94 -8.43 23.80 3.26
CA GLY B 94 -9.30 22.72 2.82
C GLY B 94 -8.62 21.66 1.97
N ASP B 95 -7.51 22.00 1.32
CA ASP B 95 -6.86 21.04 0.44
C ASP B 95 -6.31 19.84 1.22
N VAL B 96 -6.39 18.68 0.59
CA VAL B 96 -5.85 17.43 1.12
C VAL B 96 -4.86 16.89 0.10
N VAL B 97 -3.62 16.69 0.54
CA VAL B 97 -2.55 16.18 -0.29
C VAL B 97 -2.17 14.77 0.14
N GLU B 98 -2.30 13.83 -0.79
CA GLU B 98 -1.87 12.46 -0.57
C GLU B 98 -0.50 12.35 -1.20
N ILE B 99 0.52 12.17 -0.36
CA ILE B 99 1.90 12.07 -0.84
C ILE B 99 2.27 10.60 -0.88
N PRO B 100 2.43 10.03 -2.08
CA PRO B 100 2.65 8.60 -2.10
C PRO B 100 3.98 8.19 -1.47
N PRO B 101 4.05 6.94 -0.97
CA PRO B 101 5.27 6.33 -0.46
C PRO B 101 6.45 6.58 -1.38
N ASN B 102 7.55 7.05 -0.82
CA ASN B 102 8.85 7.16 -1.50
C ASN B 102 8.95 8.25 -2.53
N VAL B 103 7.90 9.04 -2.71
CA VAL B 103 7.92 10.10 -3.68
C VAL B 103 8.76 11.24 -3.14
N VAL B 104 9.72 11.74 -3.93
CA VAL B 104 10.57 12.83 -3.47
C VAL B 104 9.85 14.15 -3.74
N HIS B 105 9.73 14.98 -2.70
CA HIS B 105 8.88 16.16 -2.76
C HIS B 105 9.30 17.23 -1.76
N TRP B 106 8.72 18.41 -1.91
CA TRP B 106 8.77 19.44 -0.87
C TRP B 106 7.40 20.08 -0.73
N HIS B 107 7.19 20.73 0.40
CA HIS B 107 6.04 21.61 0.59
C HIS B 107 6.50 22.77 1.47
N GLY B 108 5.70 23.83 1.42
CA GLY B 108 6.03 25.04 2.13
C GLY B 108 5.09 26.17 1.78
N ALA B 109 5.35 27.34 2.34
CA ALA B 109 4.51 28.53 2.16
C ALA B 109 4.67 29.18 0.80
N ALA B 110 3.70 30.01 0.45
CA ALA B 110 3.85 30.89 -0.68
C ALA B 110 4.83 31.99 -0.28
N PRO B 111 5.37 32.74 -1.28
CA PRO B 111 6.33 33.80 -0.96
C PRO B 111 5.75 34.90 -0.09
N ASP B 112 4.43 35.04 -0.13
CA ASP B 112 3.69 36.21 0.33
C ASP B 112 2.86 35.93 1.55
N GLU B 113 2.76 34.67 1.94
CA GLU B 113 1.69 34.22 2.84
C GLU B 113 2.09 32.92 3.50
N GLU B 114 1.73 32.78 4.76
CA GLU B 114 2.04 31.58 5.53
C GLU B 114 1.17 30.41 5.08
N LEU B 115 1.62 29.21 5.43
CA LEU B 115 0.87 27.99 5.21
C LEU B 115 0.83 27.26 6.53
N VAL B 116 -0.36 26.83 6.90
CA VAL B 116 -0.58 25.99 8.08
C VAL B 116 -1.30 24.71 7.66
N HIS B 117 -0.73 23.57 8.07
CA HIS B 117 -1.38 22.32 7.78
C HIS B 117 -1.09 21.28 8.82
N ILE B 118 -2.03 20.36 8.92
CA ILE B 118 -1.81 19.09 9.63
C ILE B 118 -1.08 18.11 8.72
N GLY B 119 -0.21 17.31 9.30
CA GLY B 119 0.47 16.24 8.56
C GLY B 119 0.31 14.91 9.27
N ILE B 120 0.10 13.86 8.48
CA ILE B 120 -0.08 12.52 9.00
C ILE B 120 0.94 11.66 8.28
N SER B 121 1.85 11.07 9.04
CA SER B 121 2.83 10.12 8.50
C SER B 121 2.27 8.72 8.72
N THR B 122 2.03 7.99 7.64
CA THR B 122 1.48 6.63 7.80
C THR B 122 2.60 5.64 7.71
N GLN B 123 2.32 4.44 8.19
CA GLN B 123 3.23 3.30 8.05
C GLN B 123 4.60 3.72 8.53
N VAL B 124 4.63 4.26 9.74
CA VAL B 124 5.86 4.85 10.28
C VAL B 124 6.98 3.79 10.35
N HIS B 125 6.63 2.54 10.67
CA HIS B 125 7.60 1.45 10.83
CA HIS B 125 7.66 1.51 10.86
C HIS B 125 8.42 1.17 9.56
N LEU B 126 7.89 1.55 8.40
CA LEU B 126 8.64 1.35 7.13
C LEU B 126 9.93 2.18 7.10
N GLY B 127 10.00 3.19 7.95
CA GLY B 127 11.25 3.87 8.21
C GLY B 127 11.11 5.38 8.17
N PRO B 128 12.18 6.09 8.53
CA PRO B 128 12.08 7.52 8.69
C PRO B 128 12.24 8.26 7.37
N ALA B 129 12.00 9.56 7.39
CA ALA B 129 12.20 10.37 6.21
C ALA B 129 13.65 10.33 5.77
N GLU B 130 13.83 10.39 4.45
N GLU B 130 13.83 10.33 4.45
CA GLU B 130 15.13 10.46 3.84
CA GLU B 130 15.13 10.47 3.80
C GLU B 130 15.22 11.88 3.31
C GLU B 130 15.19 11.91 3.34
N TRP B 131 16.16 12.66 3.85
CA TRP B 131 16.29 14.08 3.54
C TRP B 131 17.34 14.28 2.48
N LEU B 132 17.05 15.13 1.53
N LEU B 132 17.04 15.13 1.50
CA LEU B 132 17.99 15.36 0.48
CA LEU B 132 17.65 15.05 0.16
C LEU B 132 18.38 16.83 0.54
C LEU B 132 18.10 16.37 -0.51
N GLY B 133 18.59 17.40 -0.63
N GLY B 133 18.37 17.39 0.29
CA GLY B 133 19.04 18.77 -0.73
CA GLY B 133 18.92 18.64 -0.26
C GLY B 133 17.94 19.75 -0.45
C GLY B 133 17.89 19.74 -0.32
N SER B 134 18.35 20.99 -0.20
CA SER B 134 17.44 22.13 -0.11
C SER B 134 16.76 22.36 -1.44
N VAL B 135 15.59 22.98 -1.38
CA VAL B 135 14.91 23.48 -2.54
C VAL B 135 15.57 24.81 -2.80
N THR B 136 16.25 24.94 -3.93
CA THR B 136 17.04 26.12 -4.19
C THR B 136 16.13 27.32 -4.42
N GLU B 137 16.72 28.50 -4.31
CA GLU B 137 15.99 29.72 -4.61
C GLU B 137 15.39 29.66 -6.02
N GLU B 138 16.14 29.07 -6.96
CA GLU B 138 15.70 28.94 -8.34
C GLU B 138 14.51 28.00 -8.44
N GLU B 139 14.61 26.83 -7.81
CA GLU B 139 13.51 25.87 -7.85
C GLU B 139 12.28 26.52 -7.24
N TYR B 140 12.49 27.20 -6.12
CA TYR B 140 11.36 27.79 -5.40
C TYR B 140 10.70 28.89 -6.22
N ARG B 141 11.49 29.77 -6.81
CA ARG B 141 10.93 30.84 -7.62
C ARG B 141 10.19 30.26 -8.81
N LYS B 142 10.81 29.26 -9.45
CA LYS B 142 10.26 28.68 -10.65
C LYS B 142 8.90 28.09 -10.33
N ALA B 143 8.82 27.37 -9.22
CA ALA B 143 7.57 26.77 -8.81
C ALA B 143 6.49 27.78 -8.43
N THR B 144 6.91 28.93 -7.88
CA THR B 144 5.97 29.82 -7.19
C THR B 144 5.70 31.15 -7.86
N GLU B 145 6.65 31.63 -8.65
CA GLU B 145 6.57 32.97 -9.24
C GLU B 145 5.28 33.18 -10.04
N GLY B 146 4.52 34.21 -9.65
CA GLY B 146 3.29 34.59 -10.33
C GLY B 146 2.11 33.62 -10.26
N LYS B 147 2.09 32.76 -9.23
CA LYS B 147 1.01 31.78 -9.05
C LYS B 147 0.26 32.03 -7.73
N ASP C 15 15.85 -26.47 -19.66
CA ASP C 15 16.33 -25.74 -18.44
C ASP C 15 15.40 -24.59 -18.05
N ASP C 16 15.35 -23.54 -18.88
CA ASP C 16 14.57 -22.35 -18.54
C ASP C 16 13.08 -22.65 -18.66
N ILE C 17 12.27 -21.87 -17.94
CA ILE C 17 10.82 -22.11 -17.86
C ILE C 17 10.11 -21.64 -19.16
N PHE C 18 10.62 -20.56 -19.75
CA PHE C 18 10.00 -19.89 -20.90
C PHE C 18 10.96 -19.71 -22.06
N GLU C 19 10.41 -19.61 -23.27
CA GLU C 19 11.21 -19.18 -24.42
C GLU C 19 11.49 -17.69 -24.25
N ARG C 20 12.56 -17.24 -24.88
CA ARG C 20 12.95 -15.84 -24.80
C ARG C 20 11.94 -15.01 -25.55
N GLY C 21 11.77 -13.77 -25.12
CA GLY C 21 10.76 -12.90 -25.71
C GLY C 21 11.35 -12.08 -26.84
N SER C 22 11.01 -10.79 -26.88
CA SER C 22 11.45 -9.90 -27.93
C SER C 22 12.41 -8.91 -27.34
N LYS C 23 13.24 -8.34 -28.18
CA LYS C 23 14.32 -7.47 -27.77
C LYS C 23 13.76 -6.20 -27.18
N GLY C 24 14.30 -5.83 -26.03
CA GLY C 24 13.87 -4.62 -25.32
C GLY C 24 14.46 -3.36 -25.94
N SER C 25 13.69 -2.29 -25.84
CA SER C 25 14.05 -1.04 -26.47
C SER C 25 15.31 -0.42 -25.88
N SER C 26 16.19 0.04 -26.75
CA SER C 26 17.39 0.79 -26.32
C SER C 26 17.06 2.08 -25.54
N ASP C 27 15.82 2.58 -25.64
CA ASP C 27 15.38 3.71 -24.84
C ASP C 27 15.23 3.38 -23.37
N PHE C 28 15.07 2.09 -23.04
CA PHE C 28 14.80 1.70 -21.67
C PHE C 28 15.82 0.72 -21.07
N PHE C 29 16.67 0.16 -21.92
CA PHE C 29 17.66 -0.84 -21.53
C PHE C 29 19.01 -0.57 -22.13
N THR C 30 20.06 -0.91 -21.38
CA THR C 30 21.41 -0.88 -21.86
C THR C 30 21.80 -2.32 -22.10
N GLY C 31 22.31 -2.61 -23.29
CA GLY C 31 22.62 -3.97 -23.68
C GLY C 31 21.43 -4.76 -24.20
N ASN C 32 21.66 -6.04 -24.40
CA ASN C 32 20.67 -6.96 -24.94
C ASN C 32 19.80 -7.52 -23.85
N VAL C 33 18.51 -7.24 -23.93
CA VAL C 33 17.51 -7.73 -23.00
C VAL C 33 16.35 -8.29 -23.82
N TRP C 34 15.83 -9.43 -23.39
CA TRP C 34 14.65 -10.03 -24.00
CA TRP C 34 14.67 -10.09 -23.99
C TRP C 34 13.52 -10.09 -23.01
N VAL C 35 12.37 -9.57 -23.44
CA VAL C 35 11.18 -9.49 -22.58
C VAL C 35 10.06 -10.32 -23.18
N LYS C 36 9.48 -11.19 -22.36
CA LYS C 36 8.31 -11.96 -22.76
C LYS C 36 7.17 -11.61 -21.83
N MSE C 37 6.07 -11.09 -22.38
CA MSE C 37 4.88 -10.80 -21.55
C MSE C 37 4.18 -12.10 -21.23
O MSE C 37 3.93 -12.91 -22.12
CB MSE C 37 3.92 -9.87 -22.25
CG MSE C 37 4.51 -8.53 -22.66
SE MSE C 37 5.11 -7.56 -21.14
CE MSE C 37 3.33 -7.38 -20.24
N LEU C 38 3.88 -12.31 -19.95
CA LEU C 38 3.17 -13.51 -19.49
C LEU C 38 1.70 -13.20 -19.22
N VAL C 39 1.47 -12.07 -18.57
CA VAL C 39 0.12 -11.52 -18.37
C VAL C 39 0.14 -10.04 -18.75
N THR C 40 -0.47 -9.71 -19.89
CA THR C 40 -0.53 -8.32 -20.33
CA THR C 40 -0.53 -8.32 -20.33
C THR C 40 -1.71 -7.57 -19.69
N ASP C 41 -2.69 -8.31 -19.18
CA ASP C 41 -3.89 -7.74 -18.55
C ASP C 41 -4.56 -6.68 -19.42
N GLU C 42 -4.78 -7.00 -20.69
CA GLU C 42 -5.26 -6.03 -21.65
C GLU C 42 -6.62 -5.44 -21.25
N ASN C 43 -7.44 -6.26 -20.59
CA ASN C 43 -8.77 -5.84 -20.19
C ASN C 43 -8.83 -5.24 -18.78
N GLY C 44 -7.69 -5.12 -18.10
CA GLY C 44 -7.65 -4.50 -16.75
C GLY C 44 -8.21 -5.33 -15.57
N VAL C 45 -8.50 -6.61 -15.82
CA VAL C 45 -9.14 -7.49 -14.83
C VAL C 45 -8.31 -7.71 -13.57
N PHE C 46 -7.00 -7.92 -13.74
CA PHE C 46 -6.12 -8.24 -12.62
C PHE C 46 -5.44 -7.02 -12.00
N ASN C 47 -5.40 -5.90 -12.74
CA ASN C 47 -4.64 -4.71 -12.38
C ASN C 47 -3.18 -5.06 -12.06
N THR C 48 -2.66 -6.04 -12.78
CA THR C 48 -1.35 -6.63 -12.52
C THR C 48 -0.83 -7.11 -13.89
N GLN C 49 0.43 -6.84 -14.19
CA GLN C 49 1.08 -7.41 -15.34
C GLN C 49 2.21 -8.31 -14.88
N VAL C 50 2.56 -9.29 -15.70
CA VAL C 50 3.61 -10.26 -15.39
C VAL C 50 4.43 -10.45 -16.65
N TYR C 51 5.75 -10.36 -16.49
CA TYR C 51 6.68 -10.53 -17.58
C TYR C 51 7.81 -11.49 -17.13
N ASP C 52 8.49 -12.03 -18.12
CA ASP C 52 9.72 -12.74 -17.92
C ASP C 52 10.81 -12.02 -18.71
N VAL C 53 11.97 -11.86 -18.08
CA VAL C 53 13.06 -11.08 -18.69
C VAL C 53 14.38 -11.82 -18.61
N VAL C 54 15.14 -11.78 -19.71
CA VAL C 54 16.49 -12.29 -19.78
C VAL C 54 17.43 -11.13 -20.09
N PHE C 55 18.36 -10.86 -19.16
CA PHE C 55 19.47 -9.92 -19.36
C PHE C 55 20.72 -10.71 -19.71
N GLU C 56 21.28 -10.41 -20.87
CA GLU C 56 22.56 -10.95 -21.20
C GLU C 56 23.62 -10.24 -20.33
N PRO C 57 24.80 -10.85 -20.18
CA PRO C 57 25.85 -10.25 -19.35
C PRO C 57 26.08 -8.76 -19.61
N GLY C 58 26.06 -7.96 -18.55
CA GLY C 58 26.27 -6.52 -18.66
C GLY C 58 25.01 -5.71 -18.93
N ALA C 59 23.93 -6.36 -19.37
CA ALA C 59 22.73 -5.61 -19.75
C ALA C 59 21.91 -5.25 -18.51
N ARG C 60 21.19 -4.12 -18.59
CA ARG C 60 20.40 -3.67 -17.46
C ARG C 60 19.37 -2.65 -17.88
N THR C 61 18.38 -2.44 -17.02
CA THR C 61 17.43 -1.38 -17.22
C THR C 61 18.14 -0.03 -17.05
N HIS C 62 17.52 1.01 -17.57
CA HIS C 62 17.79 2.37 -17.13
C HIS C 62 17.19 2.53 -15.76
N TRP C 63 17.57 3.61 -15.09
CA TRP C 63 16.94 3.99 -13.86
C TRP C 63 15.48 4.29 -14.16
N HIS C 64 14.59 3.80 -13.32
CA HIS C 64 13.20 4.10 -13.47
C HIS C 64 12.45 3.86 -12.17
N SER C 65 11.17 4.21 -12.16
CA SER C 65 10.31 3.86 -11.04
C SER C 65 8.94 3.51 -11.54
N HIS C 66 8.17 2.82 -10.69
CA HIS C 66 6.79 2.47 -10.94
C HIS C 66 5.95 2.98 -9.80
N PRO C 67 4.85 3.68 -10.11
CA PRO C 67 3.91 4.09 -9.07
C PRO C 67 3.41 2.93 -8.20
N GLY C 68 3.20 1.76 -8.79
CA GLY C 68 2.82 0.55 -8.05
C GLY C 68 4.04 -0.27 -7.62
N GLY C 69 3.91 -1.06 -6.58
CA GLY C 69 5.09 -1.85 -6.18
C GLY C 69 5.36 -2.93 -7.23
N GLN C 70 6.65 -3.26 -7.47
CA GLN C 70 7.07 -4.38 -8.33
C GLN C 70 7.68 -5.53 -7.52
N ILE C 71 7.49 -6.75 -8.01
CA ILE C 71 8.05 -7.95 -7.38
C ILE C 71 8.87 -8.71 -8.43
N LEU C 72 10.14 -9.01 -8.12
CA LEU C 72 10.95 -9.83 -9.02
C LEU C 72 11.19 -11.20 -8.40
N ILE C 73 11.11 -12.25 -9.22
CA ILE C 73 11.44 -13.59 -8.81
C ILE C 73 12.52 -14.15 -9.72
N VAL C 74 13.72 -14.34 -9.17
CA VAL C 74 14.88 -14.73 -9.95
C VAL C 74 14.85 -16.24 -10.19
N THR C 75 14.92 -16.62 -11.45
CA THR C 75 14.84 -18.03 -11.84
C THR C 75 16.17 -18.62 -12.30
N ARG C 76 17.09 -17.79 -12.78
CA ARG C 76 18.42 -18.28 -13.17
C ARG C 76 19.47 -17.17 -13.21
N GLY C 77 20.70 -17.55 -12.90
CA GLY C 77 21.84 -16.69 -13.13
C GLY C 77 22.23 -15.80 -11.97
N LYS C 78 22.81 -14.66 -12.31
CA LYS C 78 23.30 -13.69 -11.33
C LYS C 78 23.05 -12.28 -11.84
N GLY C 79 22.70 -11.39 -10.92
CA GLY C 79 22.33 -10.05 -11.30
C GLY C 79 22.43 -9.11 -10.14
N PHE C 80 21.87 -7.92 -10.33
CA PHE C 80 21.99 -6.85 -9.36
C PHE C 80 20.68 -6.08 -9.34
N TYR C 81 20.30 -5.63 -8.15
CA TYR C 81 19.22 -4.68 -7.95
C TYR C 81 19.79 -3.53 -7.13
N GLN C 82 19.53 -2.30 -7.56
CA GLN C 82 20.01 -1.13 -6.81
C GLN C 82 18.96 -0.03 -6.79
N GLU C 83 18.72 0.49 -5.59
CA GLU C 83 17.90 1.67 -5.39
C GLU C 83 18.81 2.87 -5.35
N ARG C 84 18.34 4.00 -5.86
CA ARG C 84 19.22 5.15 -5.93
CA ARG C 84 19.13 5.22 -5.91
C ARG C 84 19.65 5.60 -4.54
N GLY C 85 20.94 5.87 -4.43
CA GLY C 85 21.56 6.25 -3.15
C GLY C 85 21.90 5.08 -2.23
N LYS C 86 21.57 3.85 -2.60
CA LYS C 86 21.77 2.70 -1.72
C LYS C 86 22.70 1.69 -2.36
N PRO C 87 23.37 0.86 -1.54
CA PRO C 87 24.26 -0.15 -2.08
C PRO C 87 23.51 -1.16 -2.93
N ALA C 88 24.14 -1.66 -3.99
CA ALA C 88 23.51 -2.69 -4.81
C ALA C 88 23.34 -4.00 -4.03
N ARG C 89 22.32 -4.77 -4.39
CA ARG C 89 22.05 -6.11 -3.86
C ARG C 89 22.35 -7.16 -4.95
N ILE C 90 23.06 -8.23 -4.59
CA ILE C 90 23.38 -9.31 -5.52
C ILE C 90 22.19 -10.26 -5.57
N LEU C 91 21.81 -10.67 -6.78
CA LEU C 91 20.67 -11.53 -6.99
C LEU C 91 21.15 -12.88 -7.51
N LYS C 92 20.56 -13.94 -6.98
CA LYS C 92 20.78 -15.29 -7.49
C LYS C 92 19.45 -16.02 -7.56
N LYS C 93 19.47 -17.19 -8.19
CA LYS C 93 18.28 -18.04 -8.33
C LYS C 93 17.56 -18.19 -7.00
N GLY C 94 16.25 -18.02 -7.01
CA GLY C 94 15.46 -18.12 -5.81
C GLY C 94 15.18 -16.79 -5.13
N ASP C 95 16.00 -15.78 -5.39
CA ASP C 95 15.81 -14.47 -4.73
C ASP C 95 14.51 -13.78 -5.15
N VAL C 96 13.88 -13.11 -4.18
CA VAL C 96 12.65 -12.35 -4.38
C VAL C 96 12.93 -10.90 -3.97
N VAL C 97 12.68 -9.97 -4.89
CA VAL C 97 12.94 -8.56 -4.69
C VAL C 97 11.61 -7.83 -4.66
N GLU C 98 11.33 -7.17 -3.54
CA GLU C 98 10.15 -6.35 -3.40
C GLU C 98 10.58 -4.91 -3.64
N ILE C 99 10.16 -4.35 -4.76
CA ILE C 99 10.56 -3.01 -5.17
C ILE C 99 9.43 -2.08 -4.81
N PRO C 100 9.62 -1.26 -3.76
CA PRO C 100 8.49 -0.48 -3.28
C PRO C 100 8.02 0.57 -4.27
N PRO C 101 6.73 0.95 -4.22
CA PRO C 101 6.17 1.99 -5.05
C PRO C 101 7.05 3.22 -5.11
N ASN C 102 7.29 3.72 -6.32
CA ASN C 102 7.95 5.02 -6.57
C ASN C 102 9.44 5.06 -6.31
N VAL C 103 10.02 3.95 -5.84
CA VAL C 103 11.45 3.90 -5.57
C VAL C 103 12.21 3.86 -6.91
N VAL C 104 13.19 4.75 -7.08
CA VAL C 104 13.97 4.79 -8.31
C VAL C 104 15.09 3.76 -8.22
N HIS C 105 15.19 2.92 -9.24
CA HIS C 105 16.04 1.74 -9.17
C HIS C 105 16.42 1.27 -10.56
N TRP C 106 17.38 0.36 -10.61
CA TRP C 106 17.64 -0.43 -11.79
C TRP C 106 17.85 -1.88 -11.36
N HIS C 107 17.72 -2.77 -12.33
CA HIS C 107 18.16 -4.16 -12.17
C HIS C 107 18.72 -4.62 -13.51
N GLY C 108 19.51 -5.69 -13.43
CA GLY C 108 20.18 -6.20 -14.61
C GLY C 108 21.16 -7.30 -14.26
N ALA C 109 21.84 -7.82 -15.29
CA ALA C 109 22.76 -8.95 -15.13
C ALA C 109 24.09 -8.56 -14.51
N ALA C 110 24.81 -9.57 -14.04
CA ALA C 110 26.19 -9.40 -13.64
C ALA C 110 27.02 -9.14 -14.91
N PRO C 111 28.25 -8.64 -14.74
CA PRO C 111 29.08 -8.37 -15.90
C PRO C 111 29.40 -9.63 -16.70
N ASP C 112 29.30 -10.77 -16.02
CA ASP C 112 29.91 -12.02 -16.45
C ASP C 112 28.90 -13.11 -16.74
N GLU C 113 27.62 -12.83 -16.52
CA GLU C 113 26.63 -13.88 -16.40
C GLU C 113 25.23 -13.31 -16.58
N GLU C 114 24.39 -14.09 -17.28
CA GLU C 114 22.99 -13.69 -17.52
C GLU C 114 22.17 -13.69 -16.24
N LEU C 115 21.08 -12.93 -16.27
CA LEU C 115 20.08 -12.92 -15.19
C LEU C 115 18.74 -13.16 -15.85
N VAL C 116 18.01 -14.15 -15.34
CA VAL C 116 16.65 -14.41 -15.76
C VAL C 116 15.71 -14.26 -14.57
N HIS C 117 14.64 -13.48 -14.75
CA HIS C 117 13.66 -13.38 -13.71
C HIS C 117 12.26 -13.14 -14.23
N ILE C 118 11.30 -13.53 -13.39
CA ILE C 118 9.91 -13.10 -13.55
C ILE C 118 9.73 -11.75 -12.88
N GLY C 119 8.91 -10.89 -13.48
CA GLY C 119 8.53 -9.61 -12.89
C GLY C 119 7.03 -9.48 -12.79
N ILE C 120 6.57 -8.94 -11.66
CA ILE C 120 5.16 -8.71 -11.42
C ILE C 120 5.01 -7.23 -11.14
N SER C 121 4.29 -6.53 -12.01
CA SER C 121 3.94 -5.12 -11.78
C SER C 121 2.58 -5.04 -11.11
N THR C 122 2.53 -4.49 -9.91
CA THR C 122 1.26 -4.45 -9.19
C THR C 122 0.66 -3.06 -9.29
N GLN C 123 -0.65 -2.98 -9.06
CA GLN C 123 -1.36 -1.70 -8.98
C GLN C 123 -1.03 -0.93 -10.24
N VAL C 124 -1.23 -1.60 -11.36
CA VAL C 124 -0.87 -1.05 -12.67
C VAL C 124 -1.63 0.26 -12.93
N HIS C 125 -2.89 0.33 -12.51
CA HIS C 125 -3.72 1.54 -12.69
C HIS C 125 -3.12 2.82 -12.08
N LEU C 126 -2.20 2.68 -11.12
CA LEU C 126 -1.54 3.85 -10.52
C LEU C 126 -0.63 4.55 -11.53
N GLY C 127 -0.27 3.83 -12.59
CA GLY C 127 0.35 4.48 -13.72
C GLY C 127 1.58 3.77 -14.22
N PRO C 128 2.07 4.21 -15.39
CA PRO C 128 3.17 3.52 -16.03
C PRO C 128 4.50 3.86 -15.39
N ALA C 129 5.54 3.12 -15.76
CA ALA C 129 6.88 3.40 -15.32
C ALA C 129 7.29 4.80 -15.76
N GLU C 130 8.07 5.46 -14.91
CA GLU C 130 8.71 6.72 -15.22
C GLU C 130 10.18 6.38 -15.45
N TRP C 131 10.68 6.63 -16.66
CA TRP C 131 12.03 6.25 -17.06
C TRP C 131 12.95 7.45 -16.91
N LEU C 132 14.12 7.22 -16.37
N LEU C 132 14.14 7.23 -16.35
CA LEU C 132 15.05 8.27 -16.21
CA LEU C 132 14.91 8.29 -15.67
C LEU C 132 16.24 7.93 -17.08
C LEU C 132 16.43 8.35 -15.95
N GLY C 133 17.42 8.34 -16.61
N GLY C 133 16.87 7.83 -17.10
CA GLY C 133 18.62 8.18 -17.38
CA GLY C 133 18.26 7.96 -17.50
C GLY C 133 19.13 6.76 -17.33
C GLY C 133 19.06 6.67 -17.37
N SER C 134 20.05 6.48 -18.23
CA SER C 134 20.80 5.22 -18.25
C SER C 134 21.58 5.08 -16.97
N VAL C 135 21.88 3.82 -16.64
CA VAL C 135 22.82 3.53 -15.58
C VAL C 135 24.19 3.59 -16.25
N THR C 136 25.03 4.50 -15.80
CA THR C 136 26.29 4.77 -16.48
C THR C 136 27.28 3.63 -16.26
N GLU C 137 28.31 3.61 -17.07
CA GLU C 137 29.37 2.61 -16.95
C GLU C 137 29.99 2.68 -15.56
N GLU C 138 30.22 3.91 -15.06
CA GLU C 138 30.72 4.15 -13.71
C GLU C 138 29.76 3.60 -12.66
N GLU C 139 28.48 3.96 -12.77
CA GLU C 139 27.49 3.45 -11.81
C GLU C 139 27.50 1.94 -11.84
N TYR C 140 27.46 1.38 -13.05
CA TYR C 140 27.35 -0.06 -13.20
C TYR C 140 28.59 -0.74 -12.67
N ARG C 141 29.74 -0.20 -13.01
CA ARG C 141 31.01 -0.77 -12.59
C ARG C 141 31.10 -0.75 -11.06
N LYS C 142 30.81 0.42 -10.47
CA LYS C 142 30.94 0.61 -9.02
C LYS C 142 30.02 -0.32 -8.25
N ALA C 143 28.82 -0.56 -8.81
CA ALA C 143 27.86 -1.44 -8.20
C ALA C 143 28.30 -2.90 -8.25
N THR C 144 29.03 -3.25 -9.31
CA THR C 144 29.21 -4.66 -9.67
C THR C 144 30.64 -5.18 -9.60
N GLU C 145 31.62 -4.29 -9.61
CA GLU C 145 33.03 -4.69 -9.69
C GLU C 145 33.49 -5.52 -8.48
N GLY C 146 33.97 -6.73 -8.76
CA GLY C 146 34.45 -7.65 -7.72
C GLY C 146 33.42 -8.15 -6.72
N LYS C 147 32.14 -8.14 -7.11
CA LYS C 147 31.04 -8.48 -6.20
C LYS C 147 30.29 -9.73 -6.64
N ASP D 15 8.30 -18.54 5.82
CA ASP D 15 8.37 -19.97 5.40
C ASP D 15 9.77 -20.44 5.03
N ASP D 16 10.78 -19.56 5.10
CA ASP D 16 12.17 -19.95 4.82
C ASP D 16 12.68 -20.92 5.86
N ILE D 17 12.04 -20.98 7.03
CA ILE D 17 12.46 -21.93 8.07
C ILE D 17 12.33 -23.39 7.63
N PHE D 18 11.42 -23.63 6.67
CA PHE D 18 11.05 -24.98 6.21
C PHE D 18 11.85 -25.45 4.99
N GLU D 19 12.05 -26.76 4.89
CA GLU D 19 12.74 -27.36 3.75
C GLU D 19 11.96 -27.12 2.47
N ARG D 20 10.70 -27.54 2.47
CA ARG D 20 9.81 -27.43 1.31
C ARG D 20 8.68 -26.45 1.48
N GLY D 21 8.56 -25.87 2.66
CA GLY D 21 7.47 -24.95 2.98
C GLY D 21 6.58 -25.55 4.05
N SER D 22 5.50 -24.84 4.34
CA SER D 22 4.51 -25.28 5.30
C SER D 22 3.62 -26.32 4.65
N LYS D 23 3.33 -27.42 5.34
CA LYS D 23 2.43 -28.43 4.80
C LYS D 23 1.03 -27.84 4.70
N GLY D 24 0.41 -27.96 3.53
CA GLY D 24 -0.97 -27.51 3.34
C GLY D 24 -1.97 -28.19 4.25
N SER D 25 -2.79 -27.38 4.92
CA SER D 25 -3.82 -27.90 5.80
C SER D 25 -4.86 -28.70 5.03
N SER D 26 -5.33 -29.80 5.62
CA SER D 26 -6.47 -30.55 5.10
C SER D 26 -7.75 -29.72 4.98
N ASP D 27 -7.78 -28.56 5.63
CA ASP D 27 -8.89 -27.61 5.49
C ASP D 27 -9.00 -27.06 4.06
N PHE D 28 -7.89 -27.00 3.33
CA PHE D 28 -7.87 -26.36 2.02
C PHE D 28 -7.38 -27.26 0.88
N PHE D 29 -6.71 -28.35 1.24
CA PHE D 29 -6.05 -29.25 0.29
C PHE D 29 -6.41 -30.70 0.53
N THR D 30 -6.43 -31.46 -0.57
CA THR D 30 -6.45 -32.91 -0.57
C THR D 30 -5.06 -33.42 -0.87
N GLY D 31 -4.58 -34.35 -0.06
CA GLY D 31 -3.24 -34.88 -0.27
C GLY D 31 -2.11 -34.02 0.26
N ASN D 32 -0.90 -34.32 -0.22
CA ASN D 32 0.32 -33.73 0.32
C ASN D 32 0.75 -32.56 -0.55
N VAL D 33 0.81 -31.38 0.06
CA VAL D 33 1.06 -30.11 -0.61
C VAL D 33 1.97 -29.32 0.33
N TRP D 34 2.95 -28.61 -0.23
CA TRP D 34 3.77 -27.71 0.59
CA TRP D 34 3.87 -27.76 0.53
C TRP D 34 3.76 -26.34 -0.04
N VAL D 35 3.57 -25.35 0.82
CA VAL D 35 3.42 -23.96 0.41
C VAL D 35 4.53 -23.11 1.03
N LYS D 36 5.21 -22.34 0.17
CA LYS D 36 6.18 -21.35 0.63
CA LYS D 36 6.17 -21.35 0.62
C LYS D 36 5.70 -19.97 0.18
N MSE D 37 5.46 -19.09 1.12
CA MSE D 37 5.09 -17.72 0.83
C MSE D 37 6.32 -16.97 0.31
O MSE D 37 7.39 -17.03 0.92
CB MSE D 37 4.57 -17.02 2.08
CG MSE D 37 3.24 -17.55 2.59
SE MSE D 37 1.81 -17.67 1.25
CE MSE D 37 1.78 -15.77 0.62
N LEU D 38 6.17 -16.29 -0.82
CA LEU D 38 7.26 -15.51 -1.36
C LEU D 38 7.07 -14.04 -1.05
N VAL D 39 5.84 -13.56 -1.19
CA VAL D 39 5.45 -12.21 -0.82
C VAL D 39 4.17 -12.31 -0.04
N THR D 40 4.23 -11.96 1.24
CA THR D 40 3.04 -12.03 2.09
C THR D 40 2.33 -10.70 2.09
N ASP D 41 3.06 -9.65 1.73
CA ASP D 41 2.51 -8.29 1.67
C ASP D 41 1.92 -7.88 3.01
N GLU D 42 2.68 -8.16 4.06
CA GLU D 42 2.27 -7.86 5.43
C GLU D 42 1.84 -6.41 5.57
N ASN D 43 2.52 -5.53 4.82
CA ASN D 43 2.27 -4.10 4.87
C ASN D 43 1.45 -3.56 3.71
N GLY D 44 0.82 -4.43 2.93
CA GLY D 44 -0.09 -3.98 1.85
C GLY D 44 0.51 -3.04 0.81
N VAL D 45 1.85 -3.03 0.74
CA VAL D 45 2.61 -2.22 -0.24
C VAL D 45 2.24 -2.64 -1.70
N PHE D 46 1.86 -3.89 -1.87
CA PHE D 46 1.68 -4.44 -3.22
C PHE D 46 0.24 -4.80 -3.59
N ASN D 47 -0.66 -4.93 -2.61
CA ASN D 47 -2.03 -5.45 -2.84
C ASN D 47 -2.03 -6.79 -3.57
N THR D 48 -0.98 -7.58 -3.32
CA THR D 48 -0.71 -8.79 -4.06
C THR D 48 0.07 -9.73 -3.16
N GLN D 49 -0.29 -11.02 -3.14
CA GLN D 49 0.53 -12.03 -2.47
C GLN D 49 1.07 -13.00 -3.50
N VAL D 50 2.23 -13.60 -3.18
CA VAL D 50 2.89 -14.51 -4.11
C VAL D 50 3.37 -15.70 -3.30
N TYR D 51 3.17 -16.90 -3.87
CA TYR D 51 3.56 -18.12 -3.18
CA TYR D 51 3.47 -18.15 -3.19
C TYR D 51 4.06 -19.14 -4.19
N ASP D 52 4.79 -20.12 -3.69
CA ASP D 52 5.38 -21.17 -4.51
C ASP D 52 4.81 -22.45 -3.92
N VAL D 53 4.23 -23.33 -4.75
CA VAL D 53 3.48 -24.50 -4.26
CA VAL D 53 3.57 -24.51 -4.21
C VAL D 53 3.94 -25.78 -4.97
N VAL D 54 4.12 -26.86 -4.21
CA VAL D 54 4.32 -28.17 -4.79
CA VAL D 54 4.36 -28.18 -4.74
C VAL D 54 3.19 -29.09 -4.35
N PHE D 55 2.53 -29.67 -5.35
CA PHE D 55 1.50 -30.68 -5.15
C PHE D 55 2.15 -32.02 -5.48
N GLU D 56 2.15 -32.96 -4.54
CA GLU D 56 2.57 -34.33 -4.88
C GLU D 56 1.47 -35.00 -5.75
N PRO D 57 1.80 -36.08 -6.45
CA PRO D 57 0.80 -36.69 -7.33
C PRO D 57 -0.52 -36.96 -6.61
N GLY D 58 -1.62 -36.64 -7.28
CA GLY D 58 -2.95 -36.78 -6.73
C GLY D 58 -3.41 -35.66 -5.80
N ALA D 59 -2.51 -34.78 -5.39
CA ALA D 59 -2.87 -33.70 -4.48
C ALA D 59 -3.46 -32.51 -5.22
N ARG D 60 -4.40 -31.84 -4.55
CA ARG D 60 -5.06 -30.69 -5.14
C ARG D 60 -5.78 -29.84 -4.14
N THR D 61 -6.07 -28.61 -4.54
CA THR D 61 -6.84 -27.73 -3.71
C THR D 61 -8.26 -28.23 -3.64
N HIS D 62 -8.98 -27.80 -2.61
CA HIS D 62 -10.43 -27.83 -2.65
C HIS D 62 -10.93 -26.87 -3.73
N TRP D 63 -12.21 -26.96 -4.04
CA TRP D 63 -12.88 -25.91 -4.81
C TRP D 63 -12.82 -24.59 -4.02
N HIS D 64 -12.53 -23.50 -4.72
CA HIS D 64 -12.46 -22.20 -4.09
C HIS D 64 -12.46 -21.09 -5.13
N SER D 65 -12.58 -19.85 -4.66
CA SER D 65 -12.46 -18.67 -5.51
C SER D 65 -11.75 -17.56 -4.74
N HIS D 66 -11.21 -16.62 -5.52
CA HIS D 66 -10.60 -15.42 -4.98
C HIS D 66 -11.37 -14.23 -5.52
N PRO D 67 -11.79 -13.34 -4.63
CA PRO D 67 -12.44 -12.10 -5.09
C PRO D 67 -11.60 -11.23 -6.05
N GLY D 68 -10.27 -11.25 -5.91
CA GLY D 68 -9.40 -10.43 -6.73
C GLY D 68 -8.77 -11.16 -7.88
N GLY D 69 -9.00 -12.47 -7.96
CA GLY D 69 -8.42 -13.25 -9.02
C GLY D 69 -7.09 -13.90 -8.61
N GLN D 70 -6.58 -14.70 -9.54
CA GLN D 70 -5.32 -15.40 -9.30
C GLN D 70 -4.61 -15.69 -10.63
N ILE D 71 -3.27 -15.69 -10.58
CA ILE D 71 -2.46 -16.03 -11.73
C ILE D 71 -1.54 -17.18 -11.28
N LEU D 72 -1.55 -18.29 -12.03
CA LEU D 72 -0.64 -19.40 -11.79
C LEU D 72 0.41 -19.43 -12.90
N ILE D 73 1.65 -19.71 -12.50
CA ILE D 73 2.77 -19.86 -13.42
C ILE D 73 3.43 -21.18 -13.12
N VAL D 74 3.29 -22.13 -14.04
CA VAL D 74 3.76 -23.49 -13.80
C VAL D 74 5.25 -23.60 -14.10
N THR D 75 6.01 -24.10 -13.13
CA THR D 75 7.47 -24.15 -13.25
C THR D 75 8.01 -25.56 -13.41
N ARG D 76 7.25 -26.57 -13.01
CA ARG D 76 7.70 -27.95 -13.12
C ARG D 76 6.53 -28.92 -13.09
N GLY D 77 6.65 -30.01 -13.84
CA GLY D 77 5.73 -31.14 -13.69
C GLY D 77 4.48 -31.11 -14.55
N LYS D 78 3.42 -31.75 -14.06
CA LYS D 78 2.15 -31.88 -14.77
C LYS D 78 1.00 -31.74 -13.79
N GLY D 79 0.01 -30.93 -14.17
CA GLY D 79 -1.16 -30.75 -13.35
C GLY D 79 -2.41 -30.44 -14.14
N PHE D 80 -3.43 -30.06 -13.40
CA PHE D 80 -4.75 -29.81 -13.90
C PHE D 80 -5.32 -28.56 -13.25
N TYR D 81 -6.07 -27.81 -14.03
CA TYR D 81 -6.84 -26.66 -13.58
C TYR D 81 -8.26 -26.89 -14.07
N GLN D 82 -9.26 -26.69 -13.20
CA GLN D 82 -10.64 -26.86 -13.63
C GLN D 82 -11.56 -25.84 -12.99
N GLU D 83 -12.36 -25.19 -13.82
CA GLU D 83 -13.40 -24.29 -13.37
C GLU D 83 -14.70 -25.06 -13.20
N ARG D 84 -15.52 -24.63 -12.26
CA ARG D 84 -16.74 -25.38 -12.02
C ARG D 84 -17.61 -25.51 -13.29
N GLY D 85 -18.06 -26.73 -13.57
CA GLY D 85 -18.87 -27.02 -14.75
C GLY D 85 -18.13 -27.02 -16.08
N LYS D 86 -16.80 -26.86 -16.09
CA LYS D 86 -16.04 -26.81 -17.34
C LYS D 86 -15.00 -27.94 -17.46
N PRO D 87 -14.59 -28.28 -18.69
CA PRO D 87 -13.58 -29.33 -18.85
C PRO D 87 -12.28 -28.89 -18.20
N ALA D 88 -11.58 -29.82 -17.58
CA ALA D 88 -10.25 -29.52 -17.01
C ALA D 88 -9.21 -29.19 -18.09
N ARG D 89 -8.27 -28.33 -17.71
CA ARG D 89 -7.14 -27.90 -18.54
C ARG D 89 -5.85 -28.59 -18.00
N ILE D 90 -5.07 -29.21 -18.88
CA ILE D 90 -3.82 -29.83 -18.47
C ILE D 90 -2.73 -28.75 -18.40
N LEU D 91 -1.93 -28.81 -17.34
CA LEU D 91 -0.87 -27.84 -17.09
C LEU D 91 0.50 -28.52 -17.19
N LYS D 92 1.44 -27.84 -17.83
CA LYS D 92 2.84 -28.24 -17.89
C LYS D 92 3.72 -26.99 -17.72
N LYS D 93 5.03 -27.21 -17.62
CA LYS D 93 6.01 -26.15 -17.44
C LYS D 93 5.80 -25.03 -18.44
N GLY D 94 5.79 -23.81 -17.96
CA GLY D 94 5.65 -22.65 -18.80
C GLY D 94 4.24 -22.12 -18.92
N ASP D 95 3.25 -22.91 -18.52
CA ASP D 95 1.86 -22.50 -18.68
C ASP D 95 1.54 -21.38 -17.69
N VAL D 96 0.73 -20.43 -18.16
CA VAL D 96 0.23 -19.35 -17.35
C VAL D 96 -1.28 -19.45 -17.32
N VAL D 97 -1.86 -19.51 -16.12
CA VAL D 97 -3.30 -19.58 -15.94
C VAL D 97 -3.83 -18.28 -15.33
N GLU D 98 -4.71 -17.61 -16.05
CA GLU D 98 -5.42 -16.42 -15.54
C GLU D 98 -6.78 -16.85 -14.98
N ILE D 99 -6.94 -16.72 -13.67
CA ILE D 99 -8.15 -17.16 -13.00
C ILE D 99 -8.94 -15.91 -12.63
N PRO D 100 -10.06 -15.65 -13.32
CA PRO D 100 -10.72 -14.40 -13.02
C PRO D 100 -11.36 -14.30 -11.63
N PRO D 101 -11.57 -13.07 -11.17
CA PRO D 101 -12.25 -12.80 -9.91
C PRO D 101 -13.51 -13.64 -9.74
N ASN D 102 -13.59 -14.32 -8.60
CA ASN D 102 -14.76 -15.08 -8.16
C ASN D 102 -15.05 -16.33 -8.93
N VAL D 103 -14.22 -16.70 -9.92
CA VAL D 103 -14.41 -17.97 -10.63
C VAL D 103 -14.04 -19.12 -9.67
N VAL D 104 -14.96 -20.06 -9.51
CA VAL D 104 -14.75 -21.20 -8.61
C VAL D 104 -13.96 -22.27 -9.37
N HIS D 105 -12.87 -22.74 -8.76
CA HIS D 105 -11.96 -23.62 -9.49
C HIS D 105 -11.20 -24.49 -8.51
N TRP D 106 -10.49 -25.45 -9.05
CA TRP D 106 -9.42 -26.13 -8.29
C TRP D 106 -8.22 -26.30 -9.21
N HIS D 107 -7.06 -26.55 -8.59
CA HIS D 107 -5.88 -26.94 -9.36
C HIS D 107 -5.08 -27.94 -8.52
N GLY D 108 -4.20 -28.63 -9.19
CA GLY D 108 -3.45 -29.65 -8.51
C GLY D 108 -2.65 -30.49 -9.44
N ALA D 109 -2.01 -31.51 -8.85
CA ALA D 109 -1.12 -32.33 -9.62
C ALA D 109 -1.88 -33.35 -10.44
N ALA D 110 -1.19 -33.94 -11.39
CA ALA D 110 -1.64 -35.14 -12.07
C ALA D 110 -1.60 -36.34 -11.12
N PRO D 111 -2.30 -37.43 -11.46
CA PRO D 111 -2.29 -38.60 -10.57
C PRO D 111 -0.93 -39.29 -10.42
N ASP D 112 -0.02 -39.01 -11.35
CA ASP D 112 1.26 -39.75 -11.43
C ASP D 112 2.46 -38.85 -11.64
N GLU D 113 2.30 -37.57 -11.29
CA GLU D 113 3.38 -36.60 -11.44
C GLU D 113 3.10 -35.38 -10.60
N GLU D 114 4.14 -34.81 -9.99
CA GLU D 114 3.98 -33.61 -9.16
C GLU D 114 3.73 -32.39 -10.05
N LEU D 115 3.12 -31.37 -9.45
CA LEU D 115 2.98 -30.05 -10.06
C LEU D 115 3.64 -29.02 -9.17
N VAL D 116 4.47 -28.17 -9.76
CA VAL D 116 5.04 -27.03 -9.03
C VAL D 116 4.68 -25.76 -9.74
N HIS D 117 4.20 -24.77 -8.99
CA HIS D 117 3.87 -23.52 -9.60
C HIS D 117 3.99 -22.35 -8.64
N ILE D 118 4.20 -21.17 -9.23
CA ILE D 118 4.09 -19.91 -8.55
C ILE D 118 2.63 -19.48 -8.62
N GLY D 119 2.11 -18.93 -7.53
CA GLY D 119 0.73 -18.41 -7.49
C GLY D 119 0.78 -16.95 -7.13
N ILE D 120 -0.02 -16.13 -7.82
CA ILE D 120 -0.11 -14.71 -7.50
C ILE D 120 -1.58 -14.44 -7.18
N SER D 121 -1.87 -14.06 -5.93
CA SER D 121 -3.21 -13.59 -5.58
C SER D 121 -3.23 -12.09 -5.85
N THR D 122 -4.10 -11.67 -6.76
CA THR D 122 -4.17 -10.29 -7.18
C THR D 122 -5.30 -9.59 -6.44
N GLN D 123 -5.17 -8.28 -6.32
CA GLN D 123 -6.16 -7.42 -5.72
C GLN D 123 -6.64 -7.98 -4.39
N VAL D 124 -5.68 -8.24 -3.51
CA VAL D 124 -5.95 -8.90 -2.25
C VAL D 124 -6.96 -8.13 -1.41
N HIS D 125 -6.97 -6.81 -1.54
CA HIS D 125 -7.86 -5.96 -0.75
C HIS D 125 -9.34 -6.29 -0.99
N LEU D 126 -9.65 -6.92 -2.12
CA LEU D 126 -11.01 -7.31 -2.43
C LEU D 126 -11.50 -8.45 -1.57
N GLY D 127 -10.60 -9.13 -0.87
CA GLY D 127 -10.99 -10.14 0.09
C GLY D 127 -10.22 -11.46 0.01
N PRO D 128 -10.33 -12.26 1.08
CA PRO D 128 -9.62 -13.53 1.10
C PRO D 128 -10.31 -14.57 0.24
N ALA D 129 -9.61 -15.69 0.03
CA ALA D 129 -10.19 -16.78 -0.75
C ALA D 129 -11.41 -17.32 -0.04
N GLU D 130 -12.38 -17.76 -0.82
CA GLU D 130 -13.53 -18.41 -0.30
C GLU D 130 -13.39 -19.89 -0.61
N TRP D 131 -13.30 -20.70 0.44
CA TRP D 131 -13.04 -22.12 0.35
C TRP D 131 -14.35 -22.90 0.44
N LEU D 132 -14.52 -23.79 -0.51
CA LEU D 132 -15.74 -24.57 -0.64
C LEU D 132 -15.40 -26.06 -0.44
N GLY D 133 -16.11 -26.98 -1.07
CA GLY D 133 -15.87 -28.40 -0.85
C GLY D 133 -14.61 -28.96 -1.48
N SER D 134 -14.25 -30.17 -1.06
CA SER D 134 -13.12 -30.83 -1.69
CA SER D 134 -13.16 -30.94 -1.66
C SER D 134 -13.52 -31.34 -3.08
N VAL D 135 -12.52 -31.57 -3.90
CA VAL D 135 -12.73 -32.15 -5.18
C VAL D 135 -12.78 -33.64 -4.91
N THR D 136 -13.90 -34.23 -5.28
CA THR D 136 -14.17 -35.59 -4.89
C THR D 136 -13.30 -36.53 -5.70
N GLU D 137 -13.11 -37.75 -5.18
CA GLU D 137 -12.38 -38.78 -5.91
C GLU D 137 -12.98 -38.96 -7.32
N GLU D 138 -14.29 -38.80 -7.41
CA GLU D 138 -15.00 -38.99 -8.65
C GLU D 138 -14.74 -37.83 -9.58
N GLU D 139 -14.79 -36.61 -9.03
CA GLU D 139 -14.51 -35.43 -9.82
C GLU D 139 -13.07 -35.49 -10.31
N TYR D 140 -12.13 -35.88 -9.44
CA TYR D 140 -10.72 -35.86 -9.81
C TYR D 140 -10.43 -36.91 -10.88
N ARG D 141 -10.96 -38.11 -10.70
CA ARG D 141 -10.76 -39.18 -11.68
C ARG D 141 -11.31 -38.78 -13.06
N LYS D 142 -12.54 -38.29 -13.09
CA LYS D 142 -13.15 -37.88 -14.37
C LYS D 142 -12.37 -36.75 -15.03
N ALA D 143 -11.85 -35.81 -14.23
CA ALA D 143 -11.01 -34.76 -14.76
C ALA D 143 -9.65 -35.24 -15.29
N THR D 144 -9.08 -36.27 -14.68
CA THR D 144 -7.66 -36.59 -14.91
C THR D 144 -7.39 -37.94 -15.57
N GLU D 145 -8.23 -38.93 -15.30
CA GLU D 145 -7.91 -40.29 -15.71
C GLU D 145 -7.77 -40.39 -17.24
N GLY D 146 -6.69 -41.05 -17.67
CA GLY D 146 -6.37 -41.19 -19.10
C GLY D 146 -5.86 -39.93 -19.80
N LYS D 147 -5.57 -38.86 -19.05
CA LYS D 147 -5.15 -37.58 -19.65
C LYS D 147 -3.63 -37.31 -19.54
O10 UNL E . -17.12 8.26 10.15
O9 UNL E . -17.04 9.11 11.36
O7 UNL E . -16.91 8.58 12.53
O8 UNL E . -16.83 9.34 13.56
O6 UNL E . -17.07 7.31 12.67
O2 UNL E . -16.11 6.50 12.97
O1 UNL E . -15.56 5.77 12.05
O3 UNL E . -15.89 6.32 14.02
O5 UNL E . -16.38 7.12 14.88
O4 UNL E . -15.52 5.17 14.43
C1 EDO F . -11.33 8.36 28.79
O1 EDO F . -10.58 9.46 28.28
C2 EDO F . -12.77 8.65 28.39
O2 EDO F . -13.66 7.67 28.87
C1 EDO G . -19.98 10.06 32.42
O1 EDO G . -18.71 10.55 32.76
C2 EDO G . -20.32 8.73 33.06
O2 EDO G . -21.34 8.15 32.26
O3 UNL H . 8.05 15.32 6.11
O2 UNL H . 8.24 15.64 7.34
O1 UNL H . 8.65 14.72 8.14
O4 UNL H . 7.96 16.65 7.75
O9 UNL H . 7.54 17.57 6.93
O8 UNL H . 7.07 18.89 7.41
O7 UNL H . 7.00 19.15 8.84
O6 UNL H . 7.40 18.03 9.71
O5 UNL H . 7.81 16.77 9.03
C1 EDO I . 3.01 18.12 -7.50
O1 EDO I . 4.29 17.93 -8.08
C2 EDO I . 2.07 17.00 -7.91
O2 EDO I . 0.74 17.28 -7.42
C1 EDO J . 18.47 26.38 6.16
O1 EDO J . 18.34 25.47 5.04
C2 EDO J . 18.39 27.84 5.73
O2 EDO J . 17.19 28.51 6.20
C1 EDO K . -4.27 25.40 12.73
O1 EDO K . -3.47 25.60 13.89
C2 EDO K . -5.21 26.57 12.45
O2 EDO K . -5.34 26.77 11.06
C1 EDO L . 2.05 12.53 22.21
O1 EDO L . 2.46 13.37 21.12
C2 EDO L . 1.01 11.53 21.73
O2 EDO L . 1.51 10.32 21.13
O3 UNL M . 8.87 -2.14 -16.15
O2 UNL M . 10.06 -2.53 -15.86
O1 UNL M . 10.56 -2.10 -14.77
O4 UNL M . 10.50 -3.40 -16.41
O9 UNL M . 9.76 -4.05 -17.26
O8 UNL M . 10.27 -5.09 -18.19
O7 UNL M . 11.62 -5.63 -17.91
O6 UNL M . 12.33 -4.95 -16.81
O5 UNL M . 11.73 -3.75 -16.19
C1 EDO N . 19.32 -2.17 -3.09
O1 EDO N . 19.68 -0.80 -3.26
C2 EDO N . 18.43 -2.29 -1.86
O2 EDO N . 18.19 -3.69 -1.60
C1 EDO O . -2.63 -12.00 -21.39
O1 EDO O . -1.20 -11.90 -21.57
C2 EDO O . -3.03 -11.09 -20.22
O2 EDO O . -4.42 -10.95 -19.95
O9 UNL P . -1.54 -22.21 -2.30
O7 UNL P . -2.59 -22.10 -3.03
O8 UNL P . -2.62 -22.72 -4.15
O6 UNL P . -3.68 -21.68 -2.47
O2 UNL P . -4.40 -20.72 -2.98
O1 UNL P . -4.45 -19.57 -2.37
O3 UNL P . -5.07 -20.93 -3.82
O5 UNL P . -4.95 -22.05 -4.43
O4 UNL P . -6.18 -20.31 -3.97
C1 EDO Q . -10.16 -24.53 -17.74
O1 EDO Q . -9.81 -23.46 -18.62
C2 EDO Q . -11.67 -24.61 -17.65
O2 EDO Q . -11.97 -25.52 -16.60
C1 EDO R . -14.53 -31.07 2.18
O1 EDO R . -14.51 -30.13 3.26
C2 EDO R . -15.92 -31.05 1.58
O2 EDO R . -16.13 -31.89 0.42
#